data_5TU4
#
_entry.id   5TU4
#
_cell.length_a   116.442
_cell.length_b   116.442
_cell.length_c   43.682
_cell.angle_alpha   90.00
_cell.angle_beta   90.00
_cell.angle_gamma   120.00
#
_symmetry.space_group_name_H-M   'P 65'
#
loop_
_entity.id
_entity.type
_entity.pdbx_description
1 polymer 'PagF prenyltransferase'
2 non-polymer 'DIMETHYLALLYL S-THIOLODIPHOSPHATE'
3 non-polymer 'MAGNESIUM ION'
4 non-polymer N-(tert-butoxycarbonyl)-L-tyrosine
5 water water
#
_entity_poly.entity_id   1
_entity_poly.type   'polypeptide(L)'
_entity_poly.pdbx_seq_one_letter_code
;MIVNVIQKDRLKEQKLQFIRNHQQAFDVEPIYPLPLFEDFVTSIEGDCSLEASCKIESDKLIASRFLLFFEDKTQEWQKY
LHQSLTFFGLVENRVGVKINYSLLQQFLGSSFDFSKVTVLSAGIDLRNNLAESSLKMHIRIKDYPEKLDKAFALSDGAAD
GNYLKDFVNLIGFDFYFNGKSEIEIYAEVQEDDFFKPEINNLVWQHFPKTALQPLKASSLFFTGLSKANNNPVLYYHLKN
RQDLTNYFKLNDTAQRVHSFYQHQDILPYMWVGTAQKELEKTRIENIRLYYYKSFKMESN
;
_entity_poly.pdbx_strand_id   A
#
loop_
_chem_comp.id
_chem_comp.type
_chem_comp.name
_chem_comp.formula
B1C non-polymer N-(tert-butoxycarbonyl)-L-tyrosine 'C14 H19 N O5'
DST non-polymer 'DIMETHYLALLYL S-THIOLODIPHOSPHATE' 'C5 H12 O6 P2 S'
MG non-polymer 'MAGNESIUM ION' 'Mg 2'
#
# COMPACT_ATOMS: atom_id res chain seq x y z
N MET A 1 25.27 25.16 -1.33
CA MET A 1 24.98 24.31 -0.18
C MET A 1 23.89 24.87 0.76
N ILE A 2 23.82 26.19 0.93
CA ILE A 2 22.72 26.74 1.75
C ILE A 2 21.37 26.40 1.12
N VAL A 3 21.31 26.36 -0.22
CA VAL A 3 20.11 25.90 -0.92
C VAL A 3 19.69 24.54 -0.38
N ASN A 4 20.69 23.67 -0.14
CA ASN A 4 20.38 22.29 0.25
C ASN A 4 19.82 22.20 1.66
N VAL A 5 20.39 22.94 2.61
CA VAL A 5 19.87 22.85 3.98
C VAL A 5 18.47 23.45 4.07
N ILE A 6 18.22 24.55 3.35
CA ILE A 6 16.89 25.16 3.36
C ILE A 6 15.86 24.18 2.78
N GLN A 7 16.20 23.54 1.65
CA GLN A 7 15.27 22.64 1.00
C GLN A 7 15.06 21.36 1.82
N LYS A 8 16.08 20.90 2.55
CA LYS A 8 15.90 19.74 3.41
C LYS A 8 14.94 20.03 4.56
N ASP A 9 15.11 21.16 5.25
CA ASP A 9 14.16 21.52 6.31
C ASP A 9 12.74 21.62 5.77
N ARG A 10 12.60 22.25 4.60
CA ARG A 10 11.29 22.41 3.98
C ARG A 10 10.65 21.07 3.61
N LEU A 11 11.45 20.13 3.08
CA LEU A 11 10.90 18.80 2.80
C LEU A 11 10.46 18.11 4.08
N LYS A 12 11.27 18.24 5.14
CA LYS A 12 10.91 17.64 6.43
C LYS A 12 9.54 18.14 6.89
N GLU A 13 9.31 19.46 6.80
CA GLU A 13 8.05 20.01 7.27
C GLU A 13 6.89 19.67 6.35
N GLN A 14 7.14 19.55 5.04
CA GLN A 14 6.04 19.20 4.14
C GLN A 14 5.58 17.75 4.32
N LYS A 15 6.50 16.84 4.64
CA LYS A 15 6.09 15.48 4.97
C LYS A 15 5.22 15.45 6.22
N LEU A 16 5.66 16.14 7.28
CA LEU A 16 4.88 16.19 8.51
C LEU A 16 3.52 16.82 8.27
N GLN A 17 3.49 17.89 7.46
CA GLN A 17 2.24 18.55 7.11
C GLN A 17 1.26 17.59 6.44
N PHE A 18 1.74 16.86 5.41
CA PHE A 18 0.90 15.89 4.71
C PHE A 18 0.33 14.88 5.68
N ILE A 19 1.14 14.43 6.64
CA ILE A 19 0.67 13.44 7.60
C ILE A 19 -0.37 14.06 8.53
N ARG A 20 -0.09 15.25 9.06
CA ARG A 20 -0.99 15.89 10.02
C ARG A 20 -2.32 16.29 9.37
N ASN A 21 -2.29 16.80 8.13
CA ASN A 21 -3.52 17.15 7.43
C ASN A 21 -4.47 15.97 7.39
N HIS A 22 -3.93 14.78 7.14
CA HIS A 22 -4.73 13.57 7.04
C HIS A 22 -5.25 13.18 8.42
N GLN A 23 -4.37 13.13 9.41
CA GLN A 23 -4.77 12.73 10.76
C GLN A 23 -5.79 13.71 11.34
N GLN A 24 -5.58 15.02 11.14
CA GLN A 24 -6.45 16.02 11.76
C GLN A 24 -7.83 16.07 11.10
N ALA A 25 -7.94 15.61 9.86
CA ALA A 25 -9.24 15.56 9.20
C ALA A 25 -10.11 14.42 9.70
N PHE A 26 -9.49 13.32 10.14
CA PHE A 26 -10.21 12.08 10.42
C PHE A 26 -10.10 11.57 11.85
N ASP A 27 -9.12 12.03 12.63
CA ASP A 27 -8.93 11.59 14.02
C ASP A 27 -8.64 12.85 14.83
N VAL A 28 -9.53 13.20 15.76
CA VAL A 28 -9.29 14.38 16.58
C VAL A 28 -8.01 14.21 17.39
N GLU A 29 -7.76 13.00 17.90
CA GLU A 29 -6.49 12.69 18.55
C GLU A 29 -5.64 11.76 17.67
N PRO A 30 -4.35 12.03 17.55
CA PRO A 30 -3.47 11.09 16.83
C PRO A 30 -3.50 9.73 17.51
N ILE A 31 -3.40 8.67 16.71
CA ILE A 31 -3.33 7.32 17.27
C ILE A 31 -1.88 7.03 17.63
N TYR A 32 -1.66 6.56 18.84
CA TYR A 32 -0.31 6.16 19.26
C TYR A 32 0.11 4.86 18.56
N PRO A 33 1.38 4.75 18.13
CA PRO A 33 2.48 5.71 18.22
C PRO A 33 2.81 6.43 16.92
N LEU A 34 1.89 7.21 16.35
CA LEU A 34 2.19 7.93 15.11
C LEU A 34 3.51 8.70 15.12
N PRO A 35 3.93 9.40 16.20
CA PRO A 35 5.18 10.19 16.11
C PRO A 35 6.43 9.37 15.80
N LEU A 36 6.43 8.06 16.09
CA LEU A 36 7.56 7.23 15.66
C LEU A 36 7.63 7.16 14.14
N PHE A 37 6.47 7.05 13.46
CA PHE A 37 6.48 7.11 12.00
C PHE A 37 6.89 8.49 11.52
N GLU A 38 6.47 9.54 12.22
CA GLU A 38 6.88 10.89 11.81
C GLU A 38 8.38 11.06 11.90
N ASP A 39 9.01 10.55 12.96
CA ASP A 39 10.46 10.61 13.08
C ASP A 39 11.14 9.81 11.98
N PHE A 40 10.54 8.67 11.61
CA PHE A 40 11.12 7.82 10.58
C PHE A 40 11.09 8.50 9.22
N VAL A 41 9.95 9.06 8.83
CA VAL A 41 9.90 9.67 7.51
C VAL A 41 10.76 10.93 7.45
N THR A 42 10.95 11.62 8.58
CA THR A 42 11.80 12.80 8.58
C THR A 42 13.27 12.44 8.53
N SER A 43 13.62 11.23 8.97
CA SER A 43 15.00 10.76 8.87
C SER A 43 15.38 10.31 7.47
N ILE A 44 14.40 10.11 6.58
CA ILE A 44 14.69 9.68 5.20
C ILE A 44 14.91 10.95 4.37
N GLU A 45 16.17 11.34 4.18
CA GLU A 45 16.47 12.59 3.48
C GLU A 45 16.50 12.46 1.95
N GLY A 46 16.59 11.27 1.40
CA GLY A 46 16.49 11.12 -0.03
C GLY A 46 15.08 11.40 -0.52
N ASP A 47 14.92 11.34 -1.85
CA ASP A 47 13.60 11.51 -2.44
C ASP A 47 12.65 10.41 -1.95
N CYS A 48 11.39 10.76 -1.72
CA CYS A 48 10.42 9.74 -1.32
C CYS A 48 9.03 10.20 -1.67
N SER A 49 8.09 9.26 -1.59
CA SER A 49 6.67 9.56 -1.60
C SER A 49 6.05 9.06 -0.31
N LEU A 50 4.97 9.72 0.11
CA LEU A 50 4.16 9.27 1.23
C LEU A 50 2.79 8.92 0.71
N GLU A 51 2.19 7.92 1.35
CA GLU A 51 0.82 7.48 1.11
C GLU A 51 0.02 7.72 2.39
N ALA A 52 -1.16 8.30 2.25
CA ALA A 52 -2.11 8.44 3.35
C ALA A 52 -3.41 7.78 2.93
N SER A 53 -3.94 6.93 3.79
CA SER A 53 -4.98 6.00 3.38
C SER A 53 -6.09 5.95 4.42
N CYS A 54 -7.28 5.56 3.96
CA CYS A 54 -8.46 5.33 4.79
C CYS A 54 -9.06 4.00 4.39
N LYS A 55 -9.32 3.17 5.39
CA LYS A 55 -10.08 1.94 5.20
C LYS A 55 -11.46 2.19 5.77
N ILE A 56 -12.50 2.01 4.94
CA ILE A 56 -13.87 2.29 5.35
C ILE A 56 -14.63 0.98 5.45
N GLU A 57 -15.26 0.73 6.60
CA GLU A 57 -16.10 -0.45 6.81
C GLU A 57 -17.47 0.06 7.26
N SER A 58 -18.40 0.20 6.32
CA SER A 58 -19.67 0.87 6.57
C SER A 58 -19.43 2.28 7.08
N ASP A 59 -19.71 2.56 8.35
CA ASP A 59 -19.49 3.90 8.89
C ASP A 59 -18.26 3.99 9.79
N LYS A 60 -17.52 2.89 9.94
CA LYS A 60 -16.23 2.88 10.60
C LYS A 60 -15.14 3.42 9.67
N LEU A 61 -14.39 4.41 10.15
CA LEU A 61 -13.35 5.06 9.37
C LEU A 61 -12.00 4.82 10.05
N ILE A 62 -11.14 4.07 9.37
CA ILE A 62 -9.81 3.70 9.86
C ILE A 62 -8.82 4.54 9.06
N ALA A 63 -8.16 5.50 9.73
CA ALA A 63 -7.46 6.56 9.01
C ALA A 63 -6.03 6.78 9.47
N SER A 64 -5.50 5.94 10.36
CA SER A 64 -4.11 6.14 10.78
C SER A 64 -3.18 5.21 10.01
N ARG A 65 -3.29 5.30 8.68
CA ARG A 65 -2.59 4.43 7.74
C ARG A 65 -1.69 5.30 6.88
N PHE A 66 -0.38 5.07 6.99
CA PHE A 66 0.62 5.86 6.27
C PHE A 66 1.73 4.94 5.77
N LEU A 67 2.36 5.32 4.66
CA LEU A 67 3.42 4.53 4.05
C LEU A 67 4.44 5.48 3.44
N LEU A 68 5.72 5.17 3.58
CA LEU A 68 6.77 5.85 2.83
C LEU A 68 7.26 4.93 1.71
N PHE A 69 7.38 5.47 0.50
CA PHE A 69 8.05 4.80 -0.62
C PHE A 69 9.44 5.40 -0.79
N PHE A 70 10.48 4.56 -0.78
CA PHE A 70 11.85 5.02 -1.00
C PHE A 70 12.07 5.28 -2.49
N GLU A 71 12.43 6.51 -2.83
CA GLU A 71 12.55 6.82 -4.24
C GLU A 71 13.85 7.53 -4.58
N ASP A 72 14.81 7.54 -3.66
CA ASP A 72 16.16 7.99 -3.97
C ASP A 72 16.69 7.26 -5.20
N LYS A 73 17.13 8.03 -6.19
CA LYS A 73 17.48 7.43 -7.49
C LYS A 73 18.72 6.53 -7.43
N THR A 74 19.51 6.60 -6.34
CA THR A 74 20.64 5.68 -6.19
C THR A 74 20.21 4.24 -6.03
N GLN A 75 18.97 3.99 -5.61
CA GLN A 75 18.44 2.62 -5.50
C GLN A 75 19.27 1.75 -4.55
N GLU A 76 19.62 2.29 -3.38
CA GLU A 76 20.29 1.51 -2.33
C GLU A 76 19.25 0.73 -1.53
N TRP A 77 18.63 -0.24 -2.22
CA TRP A 77 17.48 -0.95 -1.65
C TRP A 77 17.83 -1.62 -0.34
N GLN A 78 19.05 -2.15 -0.22
CA GLN A 78 19.41 -2.84 1.01
C GLN A 78 19.51 -1.86 2.18
N LYS A 79 20.05 -0.67 1.93
CA LYS A 79 20.09 0.36 2.97
C LYS A 79 18.68 0.78 3.39
N TYR A 80 17.77 0.94 2.43
CA TYR A 80 16.40 1.33 2.80
C TYR A 80 15.74 0.24 3.61
N LEU A 81 15.93 -1.02 3.22
CA LEU A 81 15.44 -2.14 4.02
C LEU A 81 15.94 -2.04 5.45
N HIS A 82 17.24 -1.80 5.63
CA HIS A 82 17.80 -1.72 6.97
C HIS A 82 17.25 -0.52 7.73
N GLN A 83 17.05 0.62 7.06
CA GLN A 83 16.45 1.77 7.74
C GLN A 83 15.02 1.49 8.17
N SER A 84 14.25 0.76 7.35
CA SER A 84 12.88 0.40 7.72
C SER A 84 12.86 -0.58 8.88
N LEU A 85 13.76 -1.56 8.86
CA LEU A 85 13.80 -2.52 9.94
C LEU A 85 14.21 -1.88 11.27
N THR A 86 15.09 -0.87 11.26
CA THR A 86 15.42 -0.25 12.54
C THR A 86 14.27 0.61 13.04
N PHE A 87 13.47 1.19 12.13
CA PHE A 87 12.25 1.86 12.57
C PHE A 87 11.27 0.85 13.18
N PHE A 88 11.10 -0.31 12.52
CA PHE A 88 10.26 -1.34 13.13
C PHE A 88 10.75 -1.71 14.52
N GLY A 89 12.07 -1.87 14.68
CA GLY A 89 12.64 -2.21 15.98
C GLY A 89 12.44 -1.15 17.03
N LEU A 90 12.41 0.14 16.63
CA LEU A 90 12.08 1.21 17.58
C LEU A 90 10.63 1.12 18.01
N VAL A 91 9.72 0.83 17.07
CA VAL A 91 8.33 0.59 17.44
C VAL A 91 8.24 -0.51 18.49
N GLU A 92 8.93 -1.61 18.25
CA GLU A 92 8.97 -2.72 19.21
C GLU A 92 9.42 -2.24 20.59
N ASN A 93 10.55 -1.53 20.63
CA ASN A 93 11.10 -1.07 21.90
C ASN A 93 10.12 -0.14 22.61
N ARG A 94 9.64 0.89 21.91
CA ARG A 94 8.81 1.90 22.57
C ARG A 94 7.45 1.34 22.97
N VAL A 95 6.84 0.52 22.10
CA VAL A 95 5.52 0.01 22.45
C VAL A 95 5.61 -1.19 23.39
N GLY A 96 6.75 -1.89 23.41
CA GLY A 96 6.88 -3.04 24.28
C GLY A 96 6.34 -4.31 23.68
N VAL A 97 6.45 -4.46 22.36
CA VAL A 97 5.93 -5.63 21.66
C VAL A 97 7.07 -6.28 20.90
N LYS A 98 6.81 -7.51 20.46
CA LYS A 98 7.72 -8.32 19.65
C LYS A 98 7.00 -8.62 18.34
N ILE A 99 7.64 -8.23 17.23
CA ILE A 99 7.11 -8.44 15.89
C ILE A 99 7.60 -9.80 15.40
N ASN A 100 6.74 -10.51 14.68
CA ASN A 100 7.09 -11.80 14.08
C ASN A 100 7.58 -11.57 12.65
N TYR A 101 8.89 -11.69 12.43
CA TYR A 101 9.53 -11.39 11.15
C TYR A 101 9.72 -12.60 10.24
N SER A 102 9.23 -13.78 10.65
CA SER A 102 9.68 -15.00 9.98
C SER A 102 9.37 -14.99 8.48
N LEU A 103 8.21 -14.47 8.08
CA LEU A 103 7.85 -14.47 6.66
C LEU A 103 8.78 -13.57 5.85
N LEU A 104 9.06 -12.36 6.34
CA LEU A 104 10.03 -11.51 5.66
C LEU A 104 11.40 -12.18 5.62
N GLN A 105 11.80 -12.76 6.76
CA GLN A 105 13.11 -13.41 6.84
C GLN A 105 13.24 -14.55 5.84
N GLN A 106 12.19 -15.38 5.74
CA GLN A 106 12.25 -16.48 4.79
C GLN A 106 12.20 -15.98 3.36
N PHE A 107 11.45 -14.90 3.10
CA PHE A 107 11.42 -14.35 1.75
C PHE A 107 12.79 -13.82 1.34
N LEU A 108 13.47 -13.13 2.25
CA LEU A 108 14.81 -12.66 1.96
C LEU A 108 15.84 -13.77 2.02
N GLY A 109 15.54 -14.86 2.73
CA GLY A 109 16.49 -15.87 3.16
C GLY A 109 17.70 -16.18 2.31
N SER A 110 17.47 -16.83 1.17
CA SER A 110 18.54 -17.47 0.42
C SER A 110 19.29 -16.43 -0.44
N SER A 111 20.07 -15.58 0.25
CA SER A 111 20.86 -14.53 -0.40
C SER A 111 20.04 -13.72 -1.41
N PHE A 112 19.48 -12.61 -0.97
CA PHE A 112 18.56 -11.82 -1.78
C PHE A 112 19.32 -10.93 -2.76
N ASP A 113 18.86 -10.92 -4.02
CA ASP A 113 19.43 -10.05 -5.06
C ASP A 113 18.70 -8.69 -5.03
N PHE A 114 19.25 -7.74 -4.29
CA PHE A 114 18.60 -6.43 -4.14
C PHE A 114 18.57 -5.63 -5.44
N SER A 115 19.39 -5.99 -6.44
CA SER A 115 19.30 -5.35 -7.75
C SER A 115 17.98 -5.65 -8.45
N LYS A 116 17.23 -6.67 -8.02
CA LYS A 116 15.97 -7.01 -8.64
C LYS A 116 14.77 -6.31 -8.00
N VAL A 117 15.01 -5.44 -7.02
CA VAL A 117 13.95 -4.68 -6.38
C VAL A 117 13.67 -3.43 -7.20
N THR A 118 12.40 -3.11 -7.41
CA THR A 118 12.06 -1.84 -8.06
C THR A 118 11.20 -0.92 -7.20
N VAL A 119 10.61 -1.42 -6.12
CA VAL A 119 9.83 -0.61 -5.18
C VAL A 119 10.05 -1.14 -3.76
N LEU A 120 10.20 -0.23 -2.81
CA LEU A 120 10.23 -0.61 -1.40
C LEU A 120 9.46 0.41 -0.59
N SER A 121 8.58 -0.07 0.28
CA SER A 121 7.78 0.80 1.14
C SER A 121 7.83 0.31 2.57
N ALA A 122 7.61 1.23 3.50
CA ALA A 122 7.48 0.91 4.92
C ALA A 122 6.46 1.86 5.54
N GLY A 123 5.63 1.33 6.44
CA GLY A 123 4.63 2.15 7.11
C GLY A 123 3.82 1.44 8.19
N ILE A 124 2.61 1.95 8.43
CA ILE A 124 1.85 1.65 9.63
C ILE A 124 0.36 1.58 9.29
N ASP A 125 -0.39 0.85 10.12
CA ASP A 125 -1.85 0.98 10.25
C ASP A 125 -2.15 0.88 11.75
N LEU A 126 -2.29 2.03 12.40
CA LEU A 126 -2.35 2.08 13.87
C LEU A 126 -3.80 2.09 14.34
N ARG A 127 -4.08 1.31 15.38
CA ARG A 127 -5.41 1.16 15.98
C ARG A 127 -5.30 1.39 17.48
N ASN A 128 -6.42 1.82 18.09
CA ASN A 128 -6.43 1.94 19.55
C ASN A 128 -6.38 0.58 20.23
N ASN A 129 -6.86 -0.46 19.57
CA ASN A 129 -6.63 -1.84 20.01
C ASN A 129 -5.23 -2.22 19.53
N LEU A 130 -4.26 -2.25 20.46
CA LEU A 130 -2.86 -2.41 20.08
C LEU A 130 -2.63 -3.66 19.26
N ALA A 131 -3.22 -4.78 19.69
CA ALA A 131 -3.02 -6.05 19.00
C ALA A 131 -3.45 -5.98 17.53
N GLU A 132 -4.31 -5.05 17.18
CA GLU A 132 -4.77 -4.90 15.80
C GLU A 132 -3.93 -3.90 15.01
N SER A 133 -3.06 -3.12 15.66
CA SER A 133 -2.09 -2.30 14.95
C SER A 133 -1.10 -3.17 14.19
N SER A 134 -0.51 -2.59 13.15
CA SER A 134 0.44 -3.32 12.31
C SER A 134 1.46 -2.37 11.70
N LEU A 135 2.65 -2.91 11.46
CA LEU A 135 3.65 -2.34 10.58
C LEU A 135 3.51 -2.98 9.20
N LYS A 136 3.97 -2.27 8.18
CA LYS A 136 3.73 -2.71 6.80
C LYS A 136 4.98 -2.55 5.96
N MET A 137 5.18 -3.47 5.01
CA MET A 137 6.26 -3.37 4.03
C MET A 137 5.79 -3.99 2.72
N HIS A 138 6.05 -3.31 1.61
CA HIS A 138 5.84 -3.86 0.28
C HIS A 138 7.18 -3.92 -0.43
N ILE A 139 7.39 -4.99 -1.20
CA ILE A 139 8.57 -5.14 -2.05
C ILE A 139 8.10 -5.56 -3.44
N ARG A 140 8.50 -4.80 -4.45
CA ARG A 140 8.27 -5.18 -5.84
C ARG A 140 9.56 -5.69 -6.47
N ILE A 141 9.49 -6.87 -7.09
CA ILE A 141 10.64 -7.49 -7.72
C ILE A 141 10.36 -7.64 -9.21
N LYS A 142 11.44 -7.69 -9.98
CA LYS A 142 11.39 -7.76 -11.43
C LYS A 142 12.37 -8.83 -11.89
N ASP A 143 11.92 -9.72 -12.77
CA ASP A 143 12.77 -10.76 -13.36
C ASP A 143 13.48 -11.60 -12.29
N TYR A 144 12.73 -12.02 -11.28
CA TYR A 144 13.29 -12.72 -10.13
C TYR A 144 12.41 -13.93 -9.83
N PRO A 145 12.36 -14.92 -10.73
CA PRO A 145 11.44 -16.04 -10.55
C PRO A 145 11.70 -16.88 -9.30
N GLU A 146 12.95 -16.96 -8.84
CA GLU A 146 13.22 -17.73 -7.63
C GLU A 146 12.45 -17.17 -6.44
N LYS A 147 12.43 -15.84 -6.31
CA LYS A 147 11.77 -15.23 -5.16
C LYS A 147 10.27 -15.17 -5.33
N LEU A 148 9.79 -15.05 -6.57
CA LEU A 148 8.37 -15.22 -6.87
C LEU A 148 7.86 -16.56 -6.35
N ASP A 149 8.58 -17.65 -6.65
CA ASP A 149 8.20 -18.97 -6.13
C ASP A 149 8.17 -18.98 -4.61
N LYS A 150 9.20 -18.39 -3.98
CA LYS A 150 9.28 -18.42 -2.51
C LYS A 150 8.12 -17.68 -1.87
N ALA A 151 7.70 -16.55 -2.46
CA ALA A 151 6.58 -15.82 -1.89
C ALA A 151 5.29 -16.64 -1.98
N PHE A 152 5.07 -17.30 -3.12
CA PHE A 152 3.91 -18.17 -3.28
C PHE A 152 3.92 -19.30 -2.27
N ALA A 153 5.09 -19.90 -2.06
CA ALA A 153 5.22 -20.97 -1.08
C ALA A 153 4.91 -20.48 0.32
N LEU A 154 5.22 -19.21 0.59
CA LEU A 154 5.06 -18.64 1.92
C LEU A 154 3.60 -18.31 2.24
N SER A 155 2.79 -17.97 1.24
CA SER A 155 1.39 -17.66 1.50
C SER A 155 0.57 -18.94 1.63
N ASP A 156 -0.76 -18.85 1.41
CA ASP A 156 -1.61 -20.03 1.45
C ASP A 156 -1.04 -21.18 0.60
N GLY A 157 -0.32 -20.85 -0.47
CA GLY A 157 0.35 -21.86 -1.27
C GLY A 157 -0.12 -21.94 -2.71
N ALA A 158 -0.35 -23.17 -3.18
CA ALA A 158 -0.62 -23.43 -4.59
C ALA A 158 -2.03 -23.05 -5.00
N ALA A 159 -2.56 -23.75 -6.02
CA ALA A 159 -3.83 -23.42 -6.67
C ALA A 159 -5.05 -23.50 -5.74
N ASP A 160 -6.03 -22.62 -5.93
CA ASP A 160 -5.98 -21.58 -6.96
C ASP A 160 -5.34 -20.29 -6.44
N GLY A 161 -5.43 -19.23 -7.23
CA GLY A 161 -4.56 -18.07 -7.09
C GLY A 161 -3.30 -18.35 -7.89
N ASN A 162 -2.89 -19.62 -7.94
CA ASN A 162 -1.82 -20.04 -8.84
C ASN A 162 -2.16 -19.74 -10.29
N TYR A 163 -3.44 -19.58 -10.63
CA TYR A 163 -3.80 -19.25 -12.01
C TYR A 163 -3.33 -17.87 -12.44
N LEU A 164 -2.94 -17.01 -11.49
CA LEU A 164 -2.42 -15.69 -11.81
C LEU A 164 -0.95 -15.52 -11.38
N LYS A 165 -0.25 -16.63 -11.17
CA LYS A 165 1.12 -16.56 -10.64
C LYS A 165 2.06 -15.79 -11.55
N ASP A 166 1.87 -15.89 -12.88
CA ASP A 166 2.77 -15.22 -13.82
C ASP A 166 2.53 -13.71 -13.89
N PHE A 167 1.54 -13.19 -13.17
CA PHE A 167 1.26 -11.77 -13.15
C PHE A 167 1.76 -11.08 -11.88
N VAL A 168 2.49 -11.81 -11.03
CA VAL A 168 2.87 -11.32 -9.71
C VAL A 168 4.23 -10.63 -9.77
N ASN A 169 4.30 -9.40 -9.23
CA ASN A 169 5.56 -8.71 -8.98
C ASN A 169 5.64 -8.05 -7.62
N LEU A 170 4.51 -7.78 -6.96
CA LEU A 170 4.50 -7.06 -5.69
C LEU A 170 4.19 -8.01 -4.53
N ILE A 171 5.01 -7.96 -3.50
CA ILE A 171 4.85 -8.77 -2.29
C ILE A 171 4.52 -7.83 -1.13
N GLY A 172 3.52 -8.18 -0.34
CA GLY A 172 3.13 -7.39 0.81
C GLY A 172 3.28 -8.14 2.12
N PHE A 173 3.84 -7.46 3.12
CA PHE A 173 4.00 -8.02 4.46
C PHE A 173 3.25 -7.16 5.47
N ASP A 174 2.46 -7.81 6.34
CA ASP A 174 1.86 -7.14 7.51
C ASP A 174 2.43 -7.74 8.78
N PHE A 175 2.77 -6.86 9.73
CA PHE A 175 3.36 -7.26 11.00
C PHE A 175 2.50 -6.70 12.13
N TYR A 176 1.60 -7.51 12.68
CA TYR A 176 0.71 -7.07 13.74
C TYR A 176 1.41 -7.05 15.10
N PHE A 177 0.99 -6.11 15.95
CA PHE A 177 1.65 -5.91 17.25
C PHE A 177 1.45 -7.09 18.20
N ASN A 178 0.52 -8.00 17.92
CA ASN A 178 0.35 -9.18 18.76
C ASN A 178 1.23 -10.35 18.32
N GLY A 179 2.11 -10.14 17.34
CA GLY A 179 3.00 -11.19 16.90
C GLY A 179 2.47 -12.07 15.79
N LYS A 180 1.28 -11.78 15.27
CA LYS A 180 0.81 -12.42 14.04
C LYS A 180 1.34 -11.62 12.86
N SER A 181 1.67 -12.32 11.78
CA SER A 181 2.24 -11.71 10.59
C SER A 181 1.64 -12.41 9.38
N GLU A 182 1.52 -11.67 8.27
CA GLU A 182 0.93 -12.17 7.04
C GLU A 182 1.79 -11.77 5.85
N ILE A 183 1.65 -12.52 4.77
CA ILE A 183 2.26 -12.20 3.49
C ILE A 183 1.17 -12.25 2.44
N GLU A 184 1.27 -11.35 1.46
CA GLU A 184 0.31 -11.31 0.36
C GLU A 184 1.08 -11.13 -0.96
N ILE A 185 0.54 -11.73 -2.00
CA ILE A 185 1.09 -11.61 -3.35
C ILE A 185 0.01 -11.02 -4.26
N TYR A 186 0.41 -10.10 -5.12
CA TYR A 186 -0.52 -9.31 -5.93
C TYR A 186 -0.25 -9.57 -7.41
N ALA A 187 -1.27 -10.04 -8.12
CA ALA A 187 -1.21 -10.10 -9.58
C ALA A 187 -1.56 -8.74 -10.15
N GLU A 188 -0.87 -8.35 -11.23
CA GLU A 188 -1.07 -7.04 -11.84
C GLU A 188 -1.27 -7.17 -13.35
N VAL A 189 -1.97 -6.18 -13.90
CA VAL A 189 -2.12 -6.00 -15.35
C VAL A 189 -1.90 -4.53 -15.64
N GLN A 190 -0.97 -4.24 -16.54
CA GLN A 190 -0.69 -2.85 -16.86
C GLN A 190 -1.64 -2.35 -17.96
N GLU A 191 -1.81 -1.03 -17.98
CA GLU A 191 -2.73 -0.36 -18.89
C GLU A 191 -2.55 -0.83 -20.33
N ASP A 192 -1.29 -0.91 -20.79
CA ASP A 192 -1.02 -1.24 -22.19
C ASP A 192 -1.44 -2.65 -22.56
N ASP A 193 -1.76 -3.50 -21.59
CA ASP A 193 -2.22 -4.86 -21.84
C ASP A 193 -3.71 -5.01 -21.67
N PHE A 194 -4.45 -3.93 -21.38
CA PHE A 194 -5.82 -4.07 -20.91
C PHE A 194 -6.70 -4.77 -21.95
N PHE A 195 -6.49 -4.49 -23.24
CA PHE A 195 -7.39 -4.97 -24.29
C PHE A 195 -6.87 -6.20 -25.02
N LYS A 196 -5.74 -6.75 -24.60
CA LYS A 196 -5.16 -7.88 -25.30
C LYS A 196 -6.04 -9.11 -25.12
N PRO A 197 -6.18 -9.94 -26.17
CA PRO A 197 -7.09 -11.10 -26.05
C PRO A 197 -6.61 -12.15 -25.05
N GLU A 198 -5.29 -12.35 -24.95
CA GLU A 198 -4.76 -13.29 -23.95
C GLU A 198 -5.04 -12.81 -22.53
N ILE A 199 -5.09 -11.50 -22.31
CA ILE A 199 -5.37 -10.98 -20.97
C ILE A 199 -6.81 -11.27 -20.59
N ASN A 200 -7.76 -11.04 -21.52
CA ASN A 200 -9.15 -11.36 -21.26
C ASN A 200 -9.33 -12.84 -20.93
N ASN A 201 -8.56 -13.70 -21.60
CA ASN A 201 -8.66 -15.14 -21.39
C ASN A 201 -8.04 -15.57 -20.06
N LEU A 202 -6.89 -14.99 -19.71
CA LEU A 202 -6.17 -15.36 -18.49
C LEU A 202 -6.66 -14.65 -17.24
N VAL A 203 -7.25 -13.46 -17.38
CA VAL A 203 -7.60 -12.64 -16.22
C VAL A 203 -9.08 -12.30 -16.21
N TRP A 204 -9.48 -11.37 -17.10
CA TRP A 204 -10.78 -10.71 -16.96
C TRP A 204 -11.93 -11.71 -16.93
N GLN A 205 -11.81 -12.80 -17.68
CA GLN A 205 -12.85 -13.81 -17.75
C GLN A 205 -13.28 -14.32 -16.36
N HIS A 206 -12.37 -14.26 -15.38
CA HIS A 206 -12.64 -14.77 -14.04
C HIS A 206 -13.22 -13.73 -13.09
N PHE A 207 -13.57 -12.55 -13.60
CA PHE A 207 -14.08 -11.46 -12.78
C PHE A 207 -15.40 -10.96 -13.34
N PRO A 208 -16.32 -10.54 -12.48
CA PRO A 208 -17.59 -9.99 -12.96
C PRO A 208 -17.37 -8.81 -13.88
N LYS A 209 -18.40 -8.51 -14.68
CA LYS A 209 -18.32 -7.39 -15.62
C LYS A 209 -18.11 -6.08 -14.89
N THR A 210 -18.70 -5.94 -13.70
CA THR A 210 -18.55 -4.71 -12.94
C THR A 210 -17.08 -4.47 -12.55
N ALA A 211 -16.31 -5.54 -12.37
CA ALA A 211 -14.90 -5.39 -12.05
C ALA A 211 -14.11 -4.72 -13.18
N LEU A 212 -14.60 -4.81 -14.41
CA LEU A 212 -13.84 -4.26 -15.54
C LEU A 212 -14.12 -2.78 -15.77
N GLN A 213 -15.25 -2.26 -15.30
CA GLN A 213 -15.62 -0.89 -15.65
C GLN A 213 -14.59 0.15 -15.23
N PRO A 214 -13.99 0.12 -14.03
CA PRO A 214 -13.07 1.20 -13.65
C PRO A 214 -11.73 1.17 -14.38
N LEU A 215 -11.44 0.10 -15.13
CA LEU A 215 -10.20 0.07 -15.93
C LEU A 215 -10.15 1.20 -16.93
N LYS A 216 -11.31 1.72 -17.34
CA LYS A 216 -11.38 2.83 -18.27
C LYS A 216 -10.63 4.05 -17.75
N ALA A 217 -10.56 4.22 -16.44
CA ALA A 217 -9.88 5.36 -15.84
C ALA A 217 -8.63 4.97 -15.10
N SER A 218 -8.18 3.72 -15.25
CA SER A 218 -7.03 3.20 -14.50
C SER A 218 -5.84 2.97 -15.42
N SER A 219 -4.65 3.15 -14.85
CA SER A 219 -3.41 2.83 -15.52
C SER A 219 -2.82 1.50 -15.07
N LEU A 220 -3.48 0.82 -14.14
CA LEU A 220 -2.89 -0.34 -13.49
C LEU A 220 -3.99 -1.01 -12.65
N PHE A 221 -3.89 -2.33 -12.53
CA PHE A 221 -4.88 -3.15 -11.83
C PHE A 221 -4.12 -4.17 -11.00
N PHE A 222 -4.51 -4.35 -9.72
CA PHE A 222 -3.92 -5.34 -8.83
C PHE A 222 -5.01 -6.19 -8.20
N THR A 223 -4.68 -7.43 -7.84
CA THR A 223 -5.55 -8.21 -6.97
C THR A 223 -4.71 -9.13 -6.07
N GLY A 224 -5.08 -9.20 -4.80
CA GLY A 224 -4.43 -10.07 -3.83
C GLY A 224 -4.83 -11.53 -3.97
N LEU A 225 -3.85 -12.41 -4.20
CA LEU A 225 -4.17 -13.79 -4.57
C LEU A 225 -4.48 -14.69 -3.37
N SER A 226 -3.87 -14.46 -2.22
CA SER A 226 -3.91 -15.47 -1.16
C SER A 226 -4.93 -15.17 -0.08
N LYS A 227 -5.13 -13.90 0.26
CA LYS A 227 -6.23 -13.54 1.13
C LYS A 227 -7.52 -13.50 0.33
N ALA A 228 -8.61 -13.91 0.99
CA ALA A 228 -9.94 -13.93 0.38
C ALA A 228 -9.91 -14.59 -0.99
N ASN A 229 -9.79 -15.91 -1.04
CA ASN A 229 -9.99 -16.63 -2.29
C ASN A 229 -11.38 -16.37 -2.83
N ASN A 230 -12.39 -16.54 -1.99
CA ASN A 230 -13.67 -15.90 -2.17
C ASN A 230 -13.49 -14.39 -2.18
N ASN A 231 -14.19 -13.71 -3.07
CA ASN A 231 -14.29 -12.26 -2.92
C ASN A 231 -12.92 -11.56 -2.80
N PRO A 232 -12.03 -11.71 -3.78
CA PRO A 232 -10.72 -11.05 -3.69
C PRO A 232 -10.83 -9.54 -3.74
N VAL A 233 -9.94 -8.87 -3.03
CA VAL A 233 -9.84 -7.42 -3.11
C VAL A 233 -9.24 -7.02 -4.46
N LEU A 234 -9.87 -6.03 -5.10
CA LEU A 234 -9.44 -5.47 -6.38
C LEU A 234 -8.90 -4.07 -6.17
N TYR A 235 -7.76 -3.75 -6.79
CA TYR A 235 -7.12 -2.46 -6.65
C TYR A 235 -7.00 -1.78 -8.01
N TYR A 236 -7.37 -0.51 -8.07
CA TYR A 236 -7.39 0.26 -9.31
C TYR A 236 -6.56 1.52 -9.13
N HIS A 237 -5.57 1.72 -10.00
CA HIS A 237 -4.75 2.93 -9.96
C HIS A 237 -5.40 4.00 -10.83
N LEU A 238 -6.34 4.74 -10.25
CA LEU A 238 -7.01 5.81 -10.97
C LEU A 238 -6.03 6.88 -11.39
N LYS A 239 -6.07 7.23 -12.69
CA LYS A 239 -5.23 8.31 -13.20
C LYS A 239 -5.59 9.64 -12.56
N ASN A 240 -6.87 9.86 -12.26
CA ASN A 240 -7.30 11.10 -11.61
C ASN A 240 -8.21 10.77 -10.44
N ARG A 241 -7.82 11.23 -9.25
CA ARG A 241 -8.64 10.97 -8.07
C ARG A 241 -10.07 11.49 -8.23
N GLN A 242 -10.28 12.51 -9.09
CA GLN A 242 -11.63 13.02 -9.31
C GLN A 242 -12.57 12.00 -9.94
N ASP A 243 -12.05 10.99 -10.64
CA ASP A 243 -12.92 10.00 -11.26
C ASP A 243 -13.48 8.98 -10.26
N LEU A 244 -13.07 9.04 -8.98
CA LEU A 244 -13.50 8.04 -8.02
C LEU A 244 -15.03 7.88 -8.01
N THR A 245 -15.75 8.99 -7.83
CA THR A 245 -17.21 8.96 -7.74
C THR A 245 -17.86 8.56 -9.06
N ASN A 246 -17.16 8.70 -10.19
CA ASN A 246 -17.72 8.28 -11.46
C ASN A 246 -17.71 6.78 -11.62
N TYR A 247 -16.76 6.08 -10.99
CA TYR A 247 -16.65 4.65 -11.19
C TYR A 247 -16.96 3.81 -9.97
N PHE A 248 -17.09 4.42 -8.79
CA PHE A 248 -17.31 3.68 -7.55
C PHE A 248 -18.46 4.36 -6.81
N LYS A 249 -19.46 3.56 -6.42
CA LYS A 249 -20.66 4.06 -5.73
C LYS A 249 -20.34 4.22 -4.24
N LEU A 250 -20.00 5.43 -3.82
CA LEU A 250 -19.45 5.66 -2.49
C LEU A 250 -20.55 5.79 -1.44
N ASN A 251 -20.27 5.26 -0.25
CA ASN A 251 -21.17 5.49 0.87
C ASN A 251 -20.82 6.85 1.49
N ASP A 252 -21.45 7.16 2.62
CA ASP A 252 -21.28 8.49 3.21
C ASP A 252 -19.87 8.67 3.78
N THR A 253 -19.32 7.65 4.43
CA THR A 253 -17.99 7.80 5.00
C THR A 253 -16.94 7.96 3.90
N ALA A 254 -17.00 7.16 2.83
CA ALA A 254 -16.01 7.30 1.76
C ALA A 254 -16.15 8.65 1.07
N GLN A 255 -17.39 9.14 0.90
CA GLN A 255 -17.61 10.44 0.26
C GLN A 255 -16.95 11.56 1.04
N ARG A 256 -16.99 11.48 2.38
CA ARG A 256 -16.33 12.47 3.23
C ARG A 256 -14.81 12.46 3.03
N VAL A 257 -14.22 11.28 2.84
CA VAL A 257 -12.78 11.23 2.56
C VAL A 257 -12.49 11.84 1.20
N HIS A 258 -13.27 11.42 0.19
CA HIS A 258 -13.09 11.91 -1.17
C HIS A 258 -13.25 13.43 -1.23
N SER A 259 -14.29 13.97 -0.58
CA SER A 259 -14.51 15.42 -0.61
C SER A 259 -13.34 16.15 0.02
N PHE A 260 -12.78 15.59 1.09
CA PHE A 260 -11.65 16.22 1.74
C PHE A 260 -10.46 16.31 0.79
N TYR A 261 -10.26 15.29 -0.04
CA TYR A 261 -9.03 15.25 -0.81
C TYR A 261 -9.16 15.89 -2.19
N GLN A 262 -10.39 16.24 -2.61
CA GLN A 262 -10.59 16.78 -3.96
C GLN A 262 -9.71 17.99 -4.20
N HIS A 263 -9.49 18.81 -3.18
CA HIS A 263 -8.78 20.07 -3.37
C HIS A 263 -7.56 20.18 -2.48
N GLN A 264 -7.07 19.04 -1.97
CA GLN A 264 -5.79 19.04 -1.29
C GLN A 264 -4.67 19.12 -2.32
N ASP A 265 -3.51 19.57 -1.85
CA ASP A 265 -2.34 19.74 -2.70
C ASP A 265 -1.55 18.42 -2.76
N ILE A 266 -2.06 17.50 -3.56
CA ILE A 266 -1.54 16.14 -3.62
C ILE A 266 -1.35 15.73 -5.08
N LEU A 267 -0.68 14.59 -5.27
CA LEU A 267 -0.58 14.00 -6.59
C LEU A 267 -1.99 13.73 -7.16
N PRO A 268 -2.13 13.71 -8.49
CA PRO A 268 -3.47 13.57 -9.07
C PRO A 268 -3.99 12.15 -9.13
N TYR A 269 -3.14 11.14 -9.02
CA TYR A 269 -3.64 9.78 -9.07
C TYR A 269 -3.95 9.26 -7.67
N MET A 270 -4.69 8.16 -7.60
CA MET A 270 -5.00 7.51 -6.35
C MET A 270 -5.09 6.01 -6.59
N TRP A 271 -5.10 5.25 -5.51
CA TRP A 271 -5.48 3.85 -5.58
C TRP A 271 -6.79 3.66 -4.86
N VAL A 272 -7.57 2.70 -5.36
CA VAL A 272 -8.87 2.36 -4.81
C VAL A 272 -8.87 0.86 -4.66
N GLY A 273 -9.09 0.38 -3.44
CA GLY A 273 -9.21 -1.05 -3.27
C GLY A 273 -10.60 -1.42 -2.79
N THR A 274 -11.19 -2.46 -3.38
CA THR A 274 -12.49 -2.91 -2.88
C THR A 274 -12.69 -4.38 -3.20
N ALA A 275 -13.39 -5.07 -2.30
CA ALA A 275 -13.68 -6.48 -2.52
C ALA A 275 -14.55 -6.64 -3.75
N GLN A 276 -14.33 -7.75 -4.47
CA GLN A 276 -15.03 -7.99 -5.74
C GLN A 276 -16.54 -7.84 -5.61
N LYS A 277 -17.13 -8.38 -4.53
CA LYS A 277 -18.59 -8.35 -4.41
C LYS A 277 -19.12 -6.94 -4.14
N GLU A 278 -18.33 -6.02 -3.58
CA GLU A 278 -18.79 -4.65 -3.38
C GLU A 278 -19.19 -4.00 -4.70
N LEU A 279 -18.50 -4.32 -5.79
CA LEU A 279 -18.83 -3.72 -7.07
C LEU A 279 -20.14 -4.25 -7.65
N GLU A 280 -20.56 -5.45 -7.23
CA GLU A 280 -21.86 -5.96 -7.64
C GLU A 280 -22.99 -5.32 -6.86
N LYS A 281 -22.69 -4.64 -5.74
CA LYS A 281 -23.70 -3.97 -4.94
C LYS A 281 -24.15 -2.67 -5.63
N THR A 282 -25.33 -2.20 -5.20
CA THR A 282 -25.79 -0.88 -5.63
C THR A 282 -25.03 0.24 -4.93
N ARG A 283 -24.24 -0.11 -3.90
CA ARG A 283 -23.53 0.83 -3.05
C ARG A 283 -22.38 0.13 -2.32
N ILE A 284 -21.18 0.69 -2.40
CA ILE A 284 -20.02 0.11 -1.72
C ILE A 284 -20.09 0.48 -0.24
N GLU A 285 -19.97 -0.52 0.64
CA GLU A 285 -19.84 -0.29 2.08
C GLU A 285 -18.42 -0.47 2.60
N ASN A 286 -17.59 -1.24 1.91
CA ASN A 286 -16.22 -1.49 2.33
C ASN A 286 -15.27 -1.09 1.20
N ILE A 287 -14.38 -0.15 1.48
CA ILE A 287 -13.49 0.36 0.46
C ILE A 287 -12.26 0.96 1.12
N ARG A 288 -11.12 0.92 0.42
CA ARG A 288 -9.86 1.49 0.89
C ARG A 288 -9.42 2.54 -0.12
N LEU A 289 -9.10 3.74 0.37
CA LEU A 289 -8.75 4.88 -0.49
C LEU A 289 -7.34 5.36 -0.15
N TYR A 290 -6.50 5.53 -1.16
CA TYR A 290 -5.09 5.85 -0.94
C TYR A 290 -4.73 7.09 -1.73
N TYR A 291 -4.12 8.08 -1.06
CA TYR A 291 -3.68 9.33 -1.65
C TYR A 291 -2.18 9.51 -1.41
N TYR A 292 -1.53 10.32 -2.27
CA TYR A 292 -0.07 10.35 -2.38
C TYR A 292 0.43 11.77 -2.57
N LYS A 293 1.66 11.98 -2.10
CA LYS A 293 2.38 13.23 -2.28
C LYS A 293 3.86 12.87 -2.40
N SER A 294 4.59 13.61 -3.23
CA SER A 294 6.00 13.35 -3.47
C SER A 294 6.84 14.43 -2.82
N PHE A 295 8.06 14.07 -2.43
CA PHE A 295 8.93 14.97 -1.67
C PHE A 295 10.33 14.87 -2.25
N LYS A 296 10.66 15.79 -3.17
CA LYS A 296 11.90 15.74 -3.92
C LYS A 296 12.72 17.01 -3.74
N MET A 297 14.04 16.88 -3.80
CA MET A 297 14.94 18.03 -3.66
C MET A 297 14.93 18.99 -4.85
O4 DST B . -5.59 -2.70 3.94
P1 DST B . -4.68 -3.49 3.03
O6 DST B . -3.97 -4.59 3.79
O5 DST B . -5.49 -4.10 1.90
O2 DST B . -3.57 -2.45 2.40
P3 DST B . -2.29 -3.10 1.61
O8 DST B . -2.33 -4.61 1.74
O7 DST B . -0.98 -2.59 2.18
S9 DST B . -2.51 -2.73 -0.47
C10 DST B . -1.62 -1.30 -1.12
C11 DST B . -2.28 -0.93 -2.45
C12 DST B . -1.70 -1.77 -3.60
C13 DST B . -2.39 -3.12 -3.74
C14 DST B . -2.04 -1.03 -4.89
MG MG C . -4.08 -6.64 2.60
O1 B1C D . 3.88 -1.20 -10.35
C4 B1C D . 4.43 -0.54 -9.21
O2 B1C D . 4.75 0.68 -9.38
CT B1C D . 5.72 1.18 -10.30
C1 B1C D . 6.53 0.07 -10.98
C2 B1C D . 4.97 2.01 -11.34
C3 B1C D . 6.69 2.07 -9.55
N B1C D . 4.26 -0.93 -7.91
CA B1C D . 3.21 -0.32 -7.08
C B1C D . 3.64 1.06 -6.63
O B1C D . 4.45 1.24 -5.72
CB B1C D . 2.88 -1.24 -5.88
CG B1C D . 2.20 -0.60 -4.64
CD1 B1C D . 2.55 -1.02 -3.36
CD2 B1C D . 1.20 0.37 -4.75
CE1 B1C D . 1.97 -0.49 -2.23
CE2 B1C D . 0.60 0.93 -3.62
CZ B1C D . 0.98 0.48 -2.35
OH B1C D . 0.43 0.99 -1.18
OXT B1C D . 3.17 2.05 -7.20
#